data_9PCB
#
_entry.id   9PCB
#
_cell.length_a   1.00
_cell.length_b   1.00
_cell.length_c   1.00
_cell.angle_alpha   90.00
_cell.angle_beta   90.00
_cell.angle_gamma   90.00
#
_symmetry.space_group_name_H-M   'P 1'
#
loop_
_entity.id
_entity.type
_entity.pdbx_description
1 polymer 'Synaptic vesicle glycoprotein 2A'
2 non-polymer (4R)-1-[(3-methylpyridin-4-yl)methyl]-4-(3,4,5-trifluorophenyl)pyrrolidin-2-one
#
_entity_poly.entity_id   1
_entity_poly.type   'polypeptide(L)'
_entity_poly.pdbx_seq_one_letter_code
;MGYYRGEGTQDEEEGGASSDATEGHDEDDEIYEGEYQGIPRAESGGKGERMADGAPLAGVRGGLSDGEGPPGGRGEAQRR
KEREELAQQYEAILRECGHGRFQWTLYFVLGLALMADGVEVFVVGFVLPSAEKDMCLSDSNKGMLGLIVYLGMMVGAFLW
GGLADRLGRRQCLLISLSVNSVFAFFSSFVQGYGTFLFCRLLSGVGIGGSIPIVFSYFSEFLAQEKRGEHLSWLCMFWMI
GGVYAAAMAWAIIPHYGWSFQMGSAYQFHSWRVFVLVCAFPSVFAIGALTTQPESPRFFLENGKHDEAWMVLKQVHDTNM
RAKGHPERVFSVTHIKTIHQEDELIEIQSDTGTWYQRWGVRALSLGGQVWGNFLSCFGPEYRRITLMMMGVWFTMSFSYY
GLTVWFPDMIRHLQAVDYASRTKVFPGERVEHVTFNFTLENQIHRGGQYFNDKFIGLRLKSVSFEDSLFEECYFEDVTSS
NTFFRNCTFINTVFYNTDLFEYKFVNSRLINSTFLHNKEGCPLDVTGTGEGAYMVYFVSFLGTLAVLPGNIVSALLMDKI
GRLRMLAGSSVMSCVSCFFLSFGNSESAMIALLCLFGGVSIASWNALDVLTVELYPSDKRTTAFGFLNALCKLAAVLGIS
IFTSFVGITKAAPILFASAALALGSSLALKLPETRGQVLQLEVLFQ
;
_entity_poly.pdbx_strand_id   A
#
# COMPACT_ATOMS: atom_id res chain seq x y z
N GLU A 82 28.74 -3.69 19.56
CA GLU A 82 27.32 -3.92 19.29
C GLU A 82 27.06 -3.95 17.79
N ARG A 83 26.00 -4.66 17.40
CA ARG A 83 25.59 -4.73 16.00
C ARG A 83 24.70 -3.54 15.62
N GLU A 84 25.20 -2.34 15.88
CA GLU A 84 24.47 -1.12 15.60
C GLU A 84 25.31 -0.05 14.90
N GLU A 85 26.63 -0.09 15.01
CA GLU A 85 27.49 0.94 14.43
C GLU A 85 27.82 0.64 12.97
N LEU A 86 26.78 0.43 12.17
CA LEU A 86 26.89 0.30 10.72
C LEU A 86 26.13 1.36 9.96
N ALA A 87 24.97 1.79 10.48
CA ALA A 87 24.16 2.77 9.77
C ALA A 87 24.91 4.09 9.59
N GLN A 88 25.75 4.45 10.54
CA GLN A 88 26.50 5.70 10.41
C GLN A 88 27.39 5.69 9.18
N GLN A 89 28.21 4.65 9.03
CA GLN A 89 29.08 4.55 7.86
C GLN A 89 28.27 4.35 6.59
N TYR A 90 27.21 3.57 6.65
CA TYR A 90 26.36 3.36 5.48
C TYR A 90 25.80 4.68 4.97
N GLU A 91 25.28 5.50 5.88
CA GLU A 91 24.69 6.77 5.45
C GLU A 91 25.76 7.78 5.07
N ALA A 92 26.94 7.69 5.69
CA ALA A 92 28.05 8.52 5.23
C ALA A 92 28.38 8.21 3.77
N ILE A 93 28.44 6.93 3.42
CA ILE A 93 28.68 6.54 2.03
C ILE A 93 27.56 7.03 1.14
N LEU A 94 26.31 6.84 1.58
CA LEU A 94 25.17 7.23 0.76
C LEU A 94 25.16 8.72 0.48
N ARG A 95 25.49 9.54 1.49
CA ARG A 95 25.56 10.98 1.30
C ARG A 95 26.77 11.38 0.47
N GLU A 96 27.88 10.66 0.59
CA GLU A 96 29.03 10.93 -0.27
C GLU A 96 28.67 10.71 -1.73
N CYS A 97 27.95 9.63 -2.02
CA CYS A 97 27.44 9.42 -3.38
C CYS A 97 26.23 10.29 -3.67
N GLY A 98 25.62 10.88 -2.65
CA GLY A 98 24.48 11.74 -2.87
C GLY A 98 23.36 11.02 -3.58
N HIS A 99 22.78 11.68 -4.57
CA HIS A 99 21.71 11.13 -5.39
C HIS A 99 22.14 11.15 -6.86
N GLY A 100 21.71 10.13 -7.59
CA GLY A 100 22.04 10.00 -9.00
C GLY A 100 20.91 9.36 -9.75
N ARG A 101 21.25 8.51 -10.72
CA ARG A 101 20.25 7.87 -11.57
C ARG A 101 19.86 6.48 -11.09
N PHE A 102 20.66 5.85 -10.22
CA PHE A 102 20.26 4.54 -9.70
C PHE A 102 18.97 4.65 -8.89
N GLN A 103 18.86 5.70 -8.08
CA GLN A 103 17.68 5.89 -7.25
C GLN A 103 16.47 6.37 -8.04
N TRP A 104 16.62 6.62 -9.34
CA TRP A 104 15.49 6.83 -10.25
C TRP A 104 15.14 5.57 -11.02
N THR A 105 16.13 4.85 -11.53
CA THR A 105 15.88 3.56 -12.17
C THR A 105 15.17 2.62 -11.21
N LEU A 106 15.71 2.45 -10.00
CA LEU A 106 15.06 1.62 -9.01
C LEU A 106 13.73 2.21 -8.58
N TYR A 107 13.65 3.54 -8.51
CA TYR A 107 12.37 4.18 -8.18
C TYR A 107 11.28 3.69 -9.12
N PHE A 108 11.54 3.74 -10.43
CA PHE A 108 10.53 3.32 -11.39
C PHE A 108 10.33 1.80 -11.36
N VAL A 109 11.40 1.04 -11.15
CA VAL A 109 11.27 -0.42 -11.13
C VAL A 109 10.33 -0.84 -10.01
N LEU A 110 10.48 -0.25 -8.83
CA LEU A 110 9.62 -0.57 -7.70
C LEU A 110 8.24 0.09 -7.83
N GLY A 111 8.17 1.25 -8.49
CA GLY A 111 6.89 1.84 -8.79
C GLY A 111 6.04 0.94 -9.66
N LEU A 112 6.67 0.16 -10.53
CA LEU A 112 5.92 -0.80 -11.34
C LEU A 112 5.23 -1.83 -10.45
N ALA A 113 5.95 -2.36 -9.45
CA ALA A 113 5.35 -3.32 -8.54
C ALA A 113 4.24 -2.68 -7.72
N LEU A 114 4.45 -1.44 -7.25
CA LEU A 114 3.40 -0.75 -6.52
C LEU A 114 2.17 -0.51 -7.40
N MET A 115 2.40 -0.20 -8.68
CA MET A 115 1.31 -0.05 -9.63
C MET A 115 0.54 -1.35 -9.77
N ALA A 116 1.25 -2.48 -9.85
CA ALA A 116 0.56 -3.77 -9.92
C ALA A 116 -0.26 -4.02 -8.67
N ASP A 117 0.29 -3.68 -7.50
CA ASP A 117 -0.45 -3.86 -6.26
C ASP A 117 -1.72 -3.01 -6.24
N GLY A 118 -1.62 -1.75 -6.70
CA GLY A 118 -2.80 -0.92 -6.77
C GLY A 118 -3.84 -1.47 -7.74
N VAL A 119 -3.38 -1.99 -8.88
CA VAL A 119 -4.30 -2.60 -9.84
C VAL A 119 -5.03 -3.76 -9.19
N GLU A 120 -4.30 -4.61 -8.46
CA GLU A 120 -4.94 -5.74 -7.78
C GLU A 120 -5.94 -5.26 -6.75
N VAL A 121 -5.59 -4.24 -5.97
CA VAL A 121 -6.50 -3.77 -4.94
C VAL A 121 -7.78 -3.24 -5.57
N PHE A 122 -7.65 -2.46 -6.65
CA PHE A 122 -8.85 -1.97 -7.33
C PHE A 122 -9.67 -3.12 -7.88
N VAL A 123 -9.02 -4.10 -8.50
CA VAL A 123 -9.75 -5.22 -9.08
C VAL A 123 -10.53 -5.97 -8.01
N VAL A 124 -9.93 -6.12 -6.83
CA VAL A 124 -10.62 -6.81 -5.75
C VAL A 124 -11.68 -5.93 -5.08
N GLY A 125 -11.56 -4.61 -5.21
CA GLY A 125 -12.47 -3.71 -4.52
C GLY A 125 -13.83 -3.59 -5.16
N PHE A 126 -13.88 -3.04 -6.38
CA PHE A 126 -15.14 -2.74 -7.04
C PHE A 126 -15.42 -3.60 -8.27
N VAL A 127 -14.40 -4.19 -8.87
CA VAL A 127 -14.61 -4.98 -10.09
C VAL A 127 -14.98 -6.42 -9.77
N LEU A 128 -14.33 -7.01 -8.78
CA LEU A 128 -14.57 -8.42 -8.47
C LEU A 128 -16.02 -8.68 -8.07
N PRO A 129 -16.64 -7.88 -7.18
CA PRO A 129 -18.04 -8.17 -6.82
C PRO A 129 -19.01 -7.78 -7.92
N SER A 130 -19.19 -8.67 -8.89
CA SER A 130 -20.09 -8.43 -10.00
C SER A 130 -20.75 -9.74 -10.45
N GLY A 143 -23.38 -10.35 -3.73
CA GLY A 143 -22.34 -11.34 -3.60
C GLY A 143 -20.98 -10.73 -3.28
N MET A 144 -20.90 -10.05 -2.14
CA MET A 144 -19.67 -9.40 -1.70
C MET A 144 -18.80 -10.36 -0.89
N LEU A 145 -18.48 -11.51 -1.48
CA LEU A 145 -17.61 -12.50 -0.87
C LEU A 145 -16.16 -12.35 -1.29
N GLY A 146 -15.82 -11.27 -1.99
CA GLY A 146 -14.47 -11.02 -2.43
C GLY A 146 -13.48 -10.67 -1.35
N LEU A 147 -13.93 -10.54 -0.10
CA LEU A 147 -13.04 -10.29 1.01
C LEU A 147 -12.15 -11.49 1.32
N ILE A 148 -12.45 -12.67 0.76
CA ILE A 148 -11.52 -13.78 0.86
C ILE A 148 -10.22 -13.43 0.15
N VAL A 149 -10.29 -12.64 -0.91
CA VAL A 149 -9.08 -12.17 -1.57
C VAL A 149 -8.27 -11.27 -0.63
N TYR A 150 -8.95 -10.40 0.12
CA TYR A 150 -8.25 -9.58 1.10
C TYR A 150 -7.61 -10.44 2.17
N LEU A 151 -8.29 -11.50 2.61
CA LEU A 151 -7.70 -12.42 3.58
C LEU A 151 -6.44 -13.07 3.01
N GLY A 152 -6.50 -13.48 1.74
CA GLY A 152 -5.32 -14.02 1.09
C GLY A 152 -4.19 -13.02 1.05
N MET A 153 -4.50 -11.76 0.73
CA MET A 153 -3.46 -10.73 0.72
C MET A 153 -2.91 -10.48 2.12
N MET A 154 -3.75 -10.61 3.14
CA MET A 154 -3.28 -10.51 4.53
C MET A 154 -2.24 -11.58 4.81
N VAL A 155 -2.57 -12.84 4.51
CA VAL A 155 -1.63 -13.93 4.75
C VAL A 155 -0.36 -13.69 3.95
N GLY A 156 -0.49 -13.23 2.71
CA GLY A 156 0.68 -12.97 1.89
C GLY A 156 1.56 -11.89 2.47
N ALA A 157 0.96 -10.77 2.89
CA ALA A 157 1.74 -9.69 3.46
C ALA A 157 2.46 -10.15 4.72
N PHE A 158 1.76 -10.89 5.58
CA PHE A 158 2.41 -11.40 6.79
C PHE A 158 3.62 -12.27 6.43
N LEU A 159 3.42 -13.26 5.55
CA LEU A 159 4.48 -14.19 5.24
C LEU A 159 5.66 -13.49 4.56
N TRP A 160 5.37 -12.61 3.60
CA TRP A 160 6.45 -11.95 2.87
C TRP A 160 7.20 -10.98 3.75
N GLY A 161 6.51 -10.24 4.62
CA GLY A 161 7.20 -9.40 5.57
C GLY A 161 8.09 -10.22 6.50
N GLY A 162 7.61 -11.38 6.92
CA GLY A 162 8.44 -12.23 7.75
C GLY A 162 9.69 -12.72 7.03
N LEU A 163 9.53 -13.18 5.79
CA LEU A 163 10.63 -13.79 5.05
C LEU A 163 11.54 -12.80 4.37
N ALA A 164 11.16 -11.53 4.27
CA ALA A 164 11.95 -10.59 3.49
C ALA A 164 13.34 -10.41 4.06
N ASP A 165 13.46 -10.28 5.39
CA ASP A 165 14.76 -10.01 5.98
C ASP A 165 15.62 -11.26 6.15
N ARG A 166 15.06 -12.45 5.92
CA ARG A 166 15.84 -13.67 5.92
C ARG A 166 16.14 -14.18 4.52
N LEU A 167 15.47 -13.65 3.50
CA LEU A 167 15.77 -13.97 2.12
C LEU A 167 16.21 -12.75 1.30
N GLY A 168 16.31 -11.59 1.93
CA GLY A 168 16.59 -10.36 1.21
C GLY A 168 15.33 -9.70 0.68
N ARG A 169 15.50 -8.46 0.23
CA ARG A 169 14.39 -7.66 -0.26
C ARG A 169 14.19 -7.78 -1.76
N ARG A 170 15.05 -8.52 -2.46
CA ARG A 170 14.86 -8.79 -3.88
C ARG A 170 14.36 -10.19 -4.16
N GLN A 171 14.91 -11.20 -3.49
CA GLN A 171 14.41 -12.55 -3.67
C GLN A 171 12.95 -12.66 -3.23
N CYS A 172 12.62 -12.07 -2.08
CA CYS A 172 11.25 -12.12 -1.59
C CYS A 172 10.30 -11.37 -2.52
N LEU A 173 10.70 -10.18 -2.96
CA LEU A 173 9.85 -9.42 -3.88
C LEU A 173 9.67 -10.16 -5.21
N LEU A 174 10.75 -10.76 -5.72
CA LEU A 174 10.65 -11.51 -6.97
C LEU A 174 9.72 -12.70 -6.82
N ILE A 175 9.83 -13.44 -5.72
CA ILE A 175 8.94 -14.59 -5.52
C ILE A 175 7.50 -14.13 -5.39
N SER A 176 7.26 -13.05 -4.63
CA SER A 176 5.90 -12.57 -4.45
C SER A 176 5.29 -12.15 -5.77
N LEU A 177 6.03 -11.38 -6.57
CA LEU A 177 5.51 -10.94 -7.85
C LEU A 177 5.35 -12.11 -8.82
N SER A 178 6.23 -13.11 -8.75
CA SER A 178 6.07 -14.28 -9.61
C SER A 178 4.78 -15.01 -9.27
N VAL A 179 4.53 -15.25 -7.98
CA VAL A 179 3.31 -15.91 -7.58
C VAL A 179 2.10 -15.10 -8.04
N ASN A 180 2.13 -13.80 -7.80
CA ASN A 180 1.03 -12.94 -8.22
C ASN A 180 0.81 -13.11 -9.72
N SER A 181 1.78 -12.70 -10.53
CA SER A 181 1.62 -12.72 -11.97
C SER A 181 1.13 -14.08 -12.46
N VAL A 182 1.74 -15.17 -11.99
CA VAL A 182 1.35 -16.49 -12.47
C VAL A 182 -0.12 -16.76 -12.17
N PHE A 183 -0.55 -16.50 -10.93
CA PHE A 183 -1.92 -16.85 -10.58
C PHE A 183 -2.94 -15.88 -11.19
N ALA A 184 -2.63 -14.59 -11.22
CA ALA A 184 -3.51 -13.61 -11.86
C ALA A 184 -3.54 -13.79 -13.37
N PHE A 185 -2.60 -14.54 -13.94
CA PHE A 185 -2.65 -14.83 -15.37
C PHE A 185 -3.43 -16.11 -15.62
N PHE A 186 -3.23 -17.12 -14.77
CA PHE A 186 -4.07 -18.32 -14.84
C PHE A 186 -5.53 -18.02 -14.53
N SER A 187 -5.81 -16.93 -13.82
CA SER A 187 -7.19 -16.58 -13.50
C SER A 187 -8.01 -16.30 -14.75
N SER A 188 -7.37 -16.05 -15.89
CA SER A 188 -8.09 -15.80 -17.12
C SER A 188 -8.50 -17.07 -17.86
N PHE A 189 -7.91 -18.23 -17.52
CA PHE A 189 -8.28 -19.50 -18.11
C PHE A 189 -9.13 -20.34 -17.17
N VAL A 190 -9.64 -19.73 -16.11
CA VAL A 190 -10.52 -20.41 -15.16
C VAL A 190 -11.84 -20.71 -15.84
N GLN A 191 -12.68 -21.52 -15.19
CA GLN A 191 -13.88 -22.03 -15.81
C GLN A 191 -15.16 -21.51 -15.16
N GLY A 192 -15.05 -20.72 -14.10
CA GLY A 192 -16.23 -20.24 -13.41
C GLY A 192 -15.90 -19.33 -12.25
N TYR A 193 -16.52 -19.57 -11.10
CA TYR A 193 -16.24 -18.82 -9.88
C TYR A 193 -15.51 -19.65 -8.83
N GLY A 194 -15.84 -20.94 -8.71
CA GLY A 194 -15.23 -21.75 -7.68
C GLY A 194 -13.71 -21.78 -7.78
N THR A 195 -13.18 -21.90 -9.00
CA THR A 195 -11.74 -21.89 -9.20
C THR A 195 -11.21 -20.49 -9.49
N PHE A 196 -12.03 -19.62 -10.09
CA PHE A 196 -11.59 -18.26 -10.34
C PHE A 196 -11.25 -17.55 -9.04
N LEU A 197 -12.11 -17.69 -8.03
CA LEU A 197 -11.84 -17.02 -6.76
C LEU A 197 -10.64 -17.64 -6.06
N PHE A 198 -10.42 -18.93 -6.22
CA PHE A 198 -9.21 -19.54 -5.66
C PHE A 198 -7.97 -18.96 -6.32
N CYS A 199 -7.98 -18.82 -7.65
CA CYS A 199 -6.83 -18.24 -8.34
C CYS A 199 -6.62 -16.79 -7.90
N ARG A 200 -7.70 -16.03 -7.75
CA ARG A 200 -7.56 -14.65 -7.29
C ARG A 200 -7.06 -14.59 -5.86
N LEU A 201 -7.49 -15.52 -5.00
CA LEU A 201 -6.98 -15.57 -3.64
C LEU A 201 -5.48 -15.85 -3.62
N LEU A 202 -5.03 -16.79 -4.46
CA LEU A 202 -3.61 -17.08 -4.52
C LEU A 202 -2.82 -15.89 -5.07
N SER A 203 -3.38 -15.20 -6.07
CA SER A 203 -2.71 -14.00 -6.58
C SER A 203 -2.64 -12.93 -5.50
N GLY A 204 -3.69 -12.78 -4.70
CA GLY A 204 -3.65 -11.83 -3.60
C GLY A 204 -2.60 -12.21 -2.56
N VAL A 205 -2.50 -13.50 -2.26
CA VAL A 205 -1.44 -13.96 -1.36
C VAL A 205 -0.08 -13.61 -1.92
N GLY A 206 0.11 -13.80 -3.22
CA GLY A 206 1.39 -13.49 -3.83
C GLY A 206 1.71 -12.00 -3.81
N ILE A 207 0.70 -11.16 -4.00
CA ILE A 207 0.92 -9.72 -4.15
C ILE A 207 0.76 -8.95 -2.84
N GLY A 208 0.38 -9.62 -1.76
CA GLY A 208 0.28 -8.92 -0.49
C GLY A 208 1.61 -8.33 -0.06
N GLY A 209 2.70 -9.04 -0.31
CA GLY A 209 4.02 -8.57 0.03
C GLY A 209 4.63 -7.73 -1.07
N SER A 210 3.93 -6.68 -1.48
CA SER A 210 4.42 -5.76 -2.49
C SER A 210 4.62 -4.35 -1.97
N ILE A 211 3.82 -3.89 -1.01
CA ILE A 211 4.00 -2.57 -0.42
C ILE A 211 5.12 -2.61 0.61
N PRO A 212 5.10 -3.57 1.55
CA PRO A 212 6.18 -3.59 2.57
C PRO A 212 7.55 -3.73 1.97
N ILE A 213 7.75 -4.74 1.12
CA ILE A 213 9.06 -5.00 0.53
C ILE A 213 9.48 -3.81 -0.32
N VAL A 214 8.57 -3.28 -1.13
CA VAL A 214 8.93 -2.17 -2.00
C VAL A 214 9.37 -0.97 -1.18
N PHE A 215 8.59 -0.60 -0.17
CA PHE A 215 8.91 0.59 0.60
C PHE A 215 10.22 0.41 1.36
N SER A 216 10.42 -0.75 2.01
CA SER A 216 11.68 -0.96 2.72
C SER A 216 12.87 -0.97 1.76
N TYR A 217 12.72 -1.65 0.61
CA TYR A 217 13.81 -1.75 -0.36
C TYR A 217 14.20 -0.39 -0.88
N PHE A 218 13.23 0.48 -1.19
CA PHE A 218 13.57 1.82 -1.62
C PHE A 218 14.02 2.71 -0.47
N SER A 219 13.67 2.37 0.78
CA SER A 219 14.16 3.10 1.93
C SER A 219 15.62 2.80 2.22
N GLU A 220 16.10 1.62 1.82
CA GLU A 220 17.51 1.26 2.01
C GLU A 220 18.38 1.71 0.83
N PHE A 221 17.97 2.77 0.14
CA PHE A 221 18.78 3.37 -0.91
C PHE A 221 18.65 4.89 -0.90
N LEU A 222 18.31 5.47 0.26
CA LEU A 222 18.03 6.89 0.38
C LEU A 222 18.97 7.53 1.39
N ALA A 223 19.14 8.85 1.27
CA ALA A 223 20.11 9.59 2.06
C ALA A 223 19.58 10.04 3.42
N GLN A 224 18.28 9.85 3.69
CA GLN A 224 17.69 10.09 5.00
C GLN A 224 17.49 11.58 5.28
N GLU A 225 17.99 12.46 4.42
CA GLU A 225 17.61 13.86 4.47
C GLU A 225 16.57 14.22 3.42
N LYS A 226 16.39 13.36 2.42
CA LYS A 226 15.29 13.46 1.46
C LYS A 226 14.56 12.13 1.40
N ARG A 227 14.60 11.35 2.48
CA ARG A 227 13.98 10.05 2.49
C ARG A 227 12.46 10.15 2.41
N GLY A 228 11.86 11.00 3.25
CA GLY A 228 10.42 11.12 3.25
C GLY A 228 9.87 11.57 1.91
N GLU A 229 10.51 12.55 1.30
CA GLU A 229 10.03 13.05 0.01
C GLU A 229 10.09 11.97 -1.06
N HIS A 230 11.20 11.23 -1.12
CA HIS A 230 11.33 10.19 -2.13
C HIS A 230 10.32 9.07 -1.92
N LEU A 231 10.13 8.65 -0.67
CA LEU A 231 9.14 7.60 -0.40
C LEU A 231 7.73 8.09 -0.74
N SER A 232 7.44 9.35 -0.42
CA SER A 232 6.13 9.90 -0.76
C SER A 232 5.91 9.92 -2.27
N TRP A 233 6.94 10.30 -3.03
CA TRP A 233 6.83 10.25 -4.48
C TRP A 233 6.60 8.82 -4.96
N LEU A 234 7.32 7.86 -4.38
CA LEU A 234 7.14 6.46 -4.77
C LEU A 234 5.71 6.01 -4.53
N CYS A 235 5.10 6.49 -3.44
CA CYS A 235 3.75 6.04 -3.11
C CYS A 235 2.76 6.31 -4.25
N MET A 236 3.05 7.31 -5.08
CA MET A 236 2.10 7.72 -6.11
C MET A 236 1.84 6.61 -7.14
N PHE A 237 2.74 5.64 -7.25
CA PHE A 237 2.54 4.58 -8.23
C PHE A 237 1.36 3.70 -7.85
N TRP A 238 1.03 3.61 -6.56
CA TRP A 238 -0.18 2.90 -6.16
C TRP A 238 -1.41 3.57 -6.76
N MET A 239 -1.49 4.89 -6.70
CA MET A 239 -2.59 5.61 -7.33
C MET A 239 -2.56 5.47 -8.85
N ILE A 240 -1.38 5.50 -9.45
CA ILE A 240 -1.29 5.22 -10.89
C ILE A 240 -1.84 3.86 -11.25
N GLY A 241 -1.57 2.84 -10.45
CA GLY A 241 -2.10 1.52 -10.67
C GLY A 241 -3.61 1.46 -10.52
N GLY A 242 -4.12 2.12 -9.48
CA GLY A 242 -5.57 2.20 -9.34
C GLY A 242 -6.22 2.85 -10.55
N VAL A 243 -5.65 3.96 -11.02
CA VAL A 243 -6.21 4.65 -12.18
C VAL A 243 -6.13 3.78 -13.42
N TYR A 244 -5.00 3.09 -13.62
CA TYR A 244 -4.85 2.23 -14.79
C TYR A 244 -5.89 1.12 -14.77
N ALA A 245 -6.05 0.47 -13.61
CA ALA A 245 -7.05 -0.59 -13.51
C ALA A 245 -8.45 -0.06 -13.77
N ALA A 246 -8.78 1.12 -13.22
CA ALA A 246 -10.11 1.67 -13.44
C ALA A 246 -10.34 2.00 -14.90
N ALA A 247 -9.36 2.60 -15.56
CA ALA A 247 -9.52 2.96 -16.97
C ALA A 247 -9.69 1.72 -17.83
N MET A 248 -8.85 0.70 -17.60
CA MET A 248 -8.97 -0.53 -18.39
C MET A 248 -10.30 -1.24 -18.11
N ALA A 249 -10.74 -1.27 -16.85
CA ALA A 249 -12.00 -1.91 -16.53
C ALA A 249 -13.16 -1.19 -17.20
N TRP A 250 -13.15 0.14 -17.19
CA TRP A 250 -14.21 0.88 -17.85
C TRP A 250 -14.19 0.66 -19.36
N ALA A 251 -13.00 0.62 -19.95
CA ALA A 251 -12.91 0.51 -21.40
C ALA A 251 -13.21 -0.90 -21.91
N ILE A 252 -12.97 -1.92 -21.08
CA ILE A 252 -13.02 -3.31 -21.53
C ILE A 252 -14.28 -4.02 -21.02
N ILE A 253 -14.58 -3.90 -19.73
CA ILE A 253 -15.66 -4.67 -19.12
C ILE A 253 -16.61 -3.74 -18.35
N PRO A 254 -17.31 -2.83 -19.03
CA PRO A 254 -18.31 -1.99 -18.34
C PRO A 254 -19.65 -2.70 -18.18
N HIS A 255 -19.66 -3.78 -17.40
CA HIS A 255 -20.87 -4.55 -17.18
C HIS A 255 -20.68 -5.39 -15.91
N TYR A 256 -21.62 -6.30 -15.67
CA TYR A 256 -21.59 -7.20 -14.51
C TYR A 256 -21.39 -8.63 -14.98
N GLY A 257 -20.52 -9.36 -14.28
CA GLY A 257 -20.33 -10.77 -14.61
C GLY A 257 -21.62 -11.57 -14.49
N TRP A 258 -22.40 -11.29 -13.45
CA TRP A 258 -23.68 -11.96 -13.24
C TRP A 258 -24.79 -10.94 -13.05
N PHE A 268 -18.68 -13.21 -25.10
CA PHE A 268 -18.32 -14.60 -24.88
C PHE A 268 -17.36 -14.72 -23.70
N HIS A 269 -16.44 -13.78 -23.58
CA HIS A 269 -15.44 -13.80 -22.52
C HIS A 269 -14.95 -12.38 -22.30
N SER A 270 -15.11 -11.87 -21.08
CA SER A 270 -14.68 -10.53 -20.74
C SER A 270 -13.63 -10.51 -19.64
N TRP A 271 -13.91 -11.15 -18.50
CA TRP A 271 -12.95 -11.11 -17.41
C TRP A 271 -11.62 -11.73 -17.81
N ARG A 272 -11.59 -12.61 -18.80
CA ARG A 272 -10.33 -13.19 -19.24
C ARG A 272 -9.39 -12.10 -19.77
N VAL A 273 -9.83 -11.38 -20.80
CA VAL A 273 -9.00 -10.33 -21.38
C VAL A 273 -8.76 -9.22 -20.36
N PHE A 274 -9.77 -8.89 -19.56
CA PHE A 274 -9.58 -7.86 -18.55
C PHE A 274 -8.49 -8.24 -17.56
N VAL A 275 -8.47 -9.50 -17.14
CA VAL A 275 -7.48 -9.94 -16.17
C VAL A 275 -6.10 -10.01 -16.79
N LEU A 276 -6.01 -10.39 -18.08
CA LEU A 276 -4.72 -10.27 -18.76
C LEU A 276 -4.21 -8.84 -18.70
N VAL A 277 -5.07 -7.87 -19.05
CA VAL A 277 -4.65 -6.47 -19.05
C VAL A 277 -4.26 -6.03 -17.65
N CYS A 278 -4.97 -6.53 -16.63
CA CYS A 278 -4.68 -6.12 -15.26
C CYS A 278 -3.40 -6.75 -14.73
N ALA A 279 -3.07 -7.96 -15.16
CA ALA A 279 -1.88 -8.65 -14.70
C ALA A 279 -0.65 -8.30 -15.52
N PHE A 280 -0.80 -7.61 -16.65
CA PHE A 280 0.35 -7.11 -17.40
C PHE A 280 1.33 -6.32 -16.54
N PRO A 281 0.89 -5.36 -15.71
CA PRO A 281 1.87 -4.58 -14.93
C PRO A 281 2.74 -5.42 -14.01
N SER A 282 2.20 -6.48 -13.40
CA SER A 282 3.04 -7.31 -12.55
C SER A 282 4.13 -8.02 -13.35
N VAL A 283 3.78 -8.52 -14.55
CA VAL A 283 4.79 -9.15 -15.40
C VAL A 283 5.86 -8.14 -15.79
N PHE A 284 5.45 -6.93 -16.13
CA PHE A 284 6.43 -5.89 -16.47
C PHE A 284 7.32 -5.57 -15.28
N ALA A 285 6.73 -5.53 -14.08
CA ALA A 285 7.51 -5.26 -12.89
C ALA A 285 8.55 -6.34 -12.65
N ILE A 286 8.17 -7.60 -12.82
CA ILE A 286 9.13 -8.70 -12.65
C ILE A 286 10.25 -8.58 -13.68
N GLY A 287 9.88 -8.34 -14.94
CA GLY A 287 10.88 -8.23 -15.99
C GLY A 287 11.85 -7.09 -15.75
N ALA A 288 11.36 -5.97 -15.21
CA ALA A 288 12.24 -4.84 -14.91
C ALA A 288 13.06 -5.07 -13.66
N LEU A 289 12.53 -5.83 -12.69
CA LEU A 289 13.20 -6.04 -11.42
C LEU A 289 14.19 -7.20 -11.45
N THR A 290 14.20 -8.01 -12.50
CA THR A 290 15.21 -9.06 -12.58
C THR A 290 16.62 -8.50 -12.52
N THR A 291 16.82 -7.23 -12.90
CA THR A 291 18.15 -6.65 -13.07
C THR A 291 18.48 -5.62 -11.99
N GLN A 292 18.12 -5.91 -10.75
CA GLN A 292 18.44 -5.05 -9.62
C GLN A 292 19.27 -5.81 -8.59
N PRO A 293 20.04 -5.11 -7.75
CA PRO A 293 20.80 -5.78 -6.69
C PRO A 293 20.05 -5.83 -5.38
N GLU A 294 20.31 -6.89 -4.63
CA GLU A 294 19.67 -7.04 -3.32
C GLU A 294 20.13 -5.91 -2.40
N SER A 295 19.24 -5.51 -1.50
CA SER A 295 19.48 -4.31 -0.72
C SER A 295 20.79 -4.45 0.07
N PRO A 296 21.71 -3.48 -0.04
CA PRO A 296 23.00 -3.65 0.63
C PRO A 296 22.89 -3.79 2.15
N ARG A 297 21.96 -3.08 2.78
CA ARG A 297 21.80 -3.20 4.22
C ARG A 297 21.46 -4.62 4.63
N PHE A 298 20.68 -5.33 3.80
CA PHE A 298 20.41 -6.73 4.09
C PHE A 298 21.71 -7.55 4.10
N PHE A 299 22.58 -7.32 3.12
CA PHE A 299 23.85 -8.03 3.10
C PHE A 299 24.69 -7.69 4.32
N LEU A 300 24.72 -6.41 4.70
CA LEU A 300 25.49 -6.01 5.88
C LEU A 300 24.96 -6.69 7.13
N GLU A 301 23.64 -6.79 7.26
CA GLU A 301 23.04 -7.49 8.39
C GLU A 301 23.32 -8.99 8.34
N ASN A 302 23.47 -9.56 7.16
CA ASN A 302 23.84 -10.96 7.03
C ASN A 302 25.32 -11.22 7.32
N GLY A 303 26.11 -10.16 7.49
CA GLY A 303 27.53 -10.31 7.73
C GLY A 303 28.37 -10.44 6.49
N LYS A 304 27.77 -10.48 5.31
CA LYS A 304 28.50 -10.57 4.05
C LYS A 304 28.88 -9.16 3.57
N HIS A 305 29.76 -8.52 4.36
CA HIS A 305 30.14 -7.14 4.07
C HIS A 305 30.77 -7.02 2.68
N ASP A 306 31.41 -8.07 2.19
CA ASP A 306 32.01 -8.01 0.86
C ASP A 306 30.94 -7.81 -0.20
N GLU A 307 29.84 -8.56 -0.11
CA GLU A 307 28.76 -8.41 -1.08
C GLU A 307 28.12 -7.03 -0.97
N ALA A 308 27.94 -6.54 0.25
CA ALA A 308 27.36 -5.21 0.42
C ALA A 308 28.25 -4.14 -0.20
N TRP A 309 29.57 -4.26 0.00
CA TRP A 309 30.49 -3.31 -0.61
C TRP A 309 30.46 -3.41 -2.13
N MET A 310 30.35 -4.63 -2.65
CA MET A 310 30.26 -4.80 -4.11
C MET A 310 29.00 -4.12 -4.64
N VAL A 311 27.88 -4.31 -3.96
CA VAL A 311 26.62 -3.68 -4.40
C VAL A 311 26.74 -2.17 -4.32
N LEU A 312 27.33 -1.65 -3.26
CA LEU A 312 27.47 -0.20 -3.12
C LEU A 312 28.38 0.37 -4.20
N LYS A 313 29.45 -0.35 -4.53
CA LYS A 313 30.34 0.10 -5.60
C LYS A 313 29.64 0.08 -6.95
N GLN A 314 28.82 -0.95 -7.19
CA GLN A 314 28.03 -0.98 -8.42
C GLN A 314 27.06 0.20 -8.48
N VAL A 315 26.45 0.52 -7.33
CA VAL A 315 25.55 1.67 -7.29
C VAL A 315 26.30 2.95 -7.58
N HIS A 316 27.50 3.10 -7.02
CA HIS A 316 28.32 4.28 -7.28
C HIS A 316 28.68 4.37 -8.76
N ASP A 317 29.02 3.24 -9.37
CA ASP A 317 29.33 3.24 -10.80
C ASP A 317 28.12 3.67 -11.61
N THR A 318 26.93 3.17 -11.26
CA THR A 318 25.72 3.57 -11.97
C THR A 318 25.45 5.06 -11.78
N ASN A 319 25.68 5.57 -10.58
CA ASN A 319 25.38 6.98 -10.31
C ASN A 319 26.39 7.90 -10.98
N MET A 320 27.64 7.46 -11.14
CA MET A 320 28.68 8.32 -11.67
C MET A 320 28.50 8.67 -13.14
N ARG A 321 27.56 8.02 -13.84
CA ARG A 321 27.34 8.33 -15.24
C ARG A 321 27.02 9.80 -15.44
N ALA A 322 26.38 10.44 -14.46
CA ALA A 322 26.09 11.87 -14.51
C ALA A 322 27.23 12.63 -13.86
N LYS A 323 27.03 13.93 -13.64
CA LYS A 323 28.05 14.77 -13.01
C LYS A 323 29.32 14.80 -13.85
N GLY A 359 14.83 -29.96 3.34
CA GLY A 359 13.65 -30.15 4.15
C GLY A 359 13.72 -29.44 5.47
N VAL A 360 14.80 -29.68 6.22
CA VAL A 360 14.99 -29.04 7.51
C VAL A 360 15.19 -27.54 7.41
N ARG A 361 15.45 -27.02 6.21
CA ARG A 361 15.64 -25.58 6.05
C ARG A 361 14.39 -24.81 6.45
N ALA A 362 13.21 -25.44 6.34
CA ALA A 362 11.98 -24.76 6.74
C ALA A 362 11.97 -24.46 8.23
N LEU A 363 12.44 -25.39 9.05
CA LEU A 363 12.45 -25.17 10.49
C LEU A 363 13.33 -23.98 10.86
N SER A 364 14.51 -23.88 10.24
CA SER A 364 15.39 -22.76 10.52
C SER A 364 14.76 -21.45 10.07
N LEU A 365 14.11 -21.44 8.92
CA LEU A 365 13.49 -20.23 8.38
C LEU A 365 12.09 -20.00 8.94
N GLY A 366 11.59 -20.87 9.80
CA GLY A 366 10.29 -20.70 10.40
C GLY A 366 10.38 -20.12 11.80
N GLY A 367 11.35 -20.58 12.57
CA GLY A 367 11.56 -20.06 13.90
C GLY A 367 12.35 -18.76 13.88
N GLN A 368 13.13 -18.56 12.82
CA GLN A 368 13.91 -17.34 12.70
C GLN A 368 13.06 -16.12 12.35
N VAL A 369 11.99 -16.31 11.58
CA VAL A 369 11.08 -15.20 11.32
C VAL A 369 10.40 -14.75 12.61
N TRP A 370 10.08 -15.69 13.50
CA TRP A 370 9.55 -15.31 14.81
C TRP A 370 10.57 -14.55 15.63
N GLY A 371 11.86 -14.65 15.30
CA GLY A 371 12.84 -13.80 15.95
C GLY A 371 12.63 -12.34 15.60
N ASN A 372 12.39 -12.05 14.32
CA ASN A 372 12.11 -10.67 13.91
C ASN A 372 10.81 -10.17 14.52
N PHE A 373 9.77 -11.00 14.51
CA PHE A 373 8.44 -10.55 14.93
C PHE A 373 8.35 -10.39 16.45
N LEU A 374 8.64 -11.46 17.19
CA LEU A 374 8.52 -11.41 18.63
C LEU A 374 9.49 -10.41 19.25
N SER A 375 10.61 -10.12 18.58
CA SER A 375 11.49 -9.06 19.04
C SER A 375 10.92 -7.68 18.77
N CYS A 376 10.01 -7.56 17.81
CA CYS A 376 9.28 -6.32 17.57
C CYS A 376 8.29 -6.01 18.69
N PHE A 377 8.18 -6.86 19.70
CA PHE A 377 7.41 -6.59 20.90
C PHE A 377 8.31 -6.57 22.13
N GLY A 378 9.60 -6.29 21.93
CA GLY A 378 10.53 -6.19 23.03
C GLY A 378 10.44 -4.84 23.71
N PRO A 379 11.21 -4.68 24.79
CA PRO A 379 11.13 -3.43 25.55
C PRO A 379 11.40 -2.19 24.71
N GLU A 380 12.36 -2.27 23.80
CA GLU A 380 12.70 -1.12 22.95
C GLU A 380 11.52 -0.74 22.06
N TYR A 381 11.16 -1.63 21.13
CA TYR A 381 10.07 -1.39 20.18
C TYR A 381 8.83 -2.15 20.64
N ARG A 382 8.17 -1.62 21.67
CA ARG A 382 6.83 -2.08 22.02
C ARG A 382 5.80 -0.97 21.91
N ARG A 383 5.99 0.14 22.61
CA ARG A 383 5.03 1.23 22.53
C ARG A 383 4.94 1.78 21.10
N ILE A 384 6.09 1.90 20.44
CA ILE A 384 6.09 2.31 19.05
C ILE A 384 5.22 1.37 18.22
N THR A 385 5.38 0.06 18.45
CA THR A 385 4.67 -0.90 17.60
C THR A 385 3.18 -0.90 17.88
N LEU A 386 2.77 -0.83 19.14
CA LEU A 386 1.33 -0.78 19.43
C LEU A 386 0.69 0.49 18.88
N MET A 387 1.34 1.65 19.06
CA MET A 387 0.79 2.87 18.51
C MET A 387 0.73 2.78 16.98
N MET A 388 1.76 2.21 16.36
CA MET A 388 1.78 2.05 14.92
C MET A 388 0.63 1.17 14.47
N MET A 389 0.40 0.07 15.18
CA MET A 389 -0.69 -0.84 14.85
C MET A 389 -2.03 -0.12 14.95
N GLY A 390 -2.23 0.64 16.02
CA GLY A 390 -3.49 1.36 16.18
C GLY A 390 -3.73 2.35 15.05
N VAL A 391 -2.70 3.15 14.75
CA VAL A 391 -2.85 4.14 13.67
C VAL A 391 -3.18 3.44 12.37
N TRP A 392 -2.41 2.42 12.01
CA TRP A 392 -2.66 1.69 10.77
C TRP A 392 -4.09 1.17 10.74
N PHE A 393 -4.49 0.45 11.79
CA PHE A 393 -5.83 -0.14 11.81
C PHE A 393 -6.89 0.92 11.59
N THR A 394 -6.95 1.92 12.47
CA THR A 394 -8.08 2.86 12.39
C THR A 394 -8.08 3.61 11.08
N MET A 395 -6.92 4.07 10.61
CA MET A 395 -6.95 4.92 9.42
C MET A 395 -7.24 4.09 8.16
N SER A 396 -6.67 2.90 8.05
CA SER A 396 -7.01 2.04 6.92
C SER A 396 -8.48 1.66 6.93
N PHE A 397 -9.01 1.30 8.11
CA PHE A 397 -10.42 0.97 8.21
C PHE A 397 -11.28 2.13 7.75
N SER A 398 -11.00 3.34 8.24
CA SER A 398 -11.79 4.49 7.85
C SER A 398 -11.72 4.73 6.35
N TYR A 399 -10.51 4.73 5.79
CA TYR A 399 -10.37 5.04 4.37
C TYR A 399 -11.11 4.01 3.53
N TYR A 400 -10.87 2.72 3.77
CA TYR A 400 -11.48 1.70 2.94
C TYR A 400 -12.99 1.71 3.10
N GLY A 401 -13.49 1.88 4.32
CA GLY A 401 -14.92 1.99 4.52
C GLY A 401 -15.52 3.12 3.72
N LEU A 402 -14.88 4.29 3.76
CA LEU A 402 -15.43 5.44 3.03
C LEU A 402 -15.34 5.23 1.52
N THR A 403 -14.28 4.59 1.04
CA THR A 403 -14.12 4.42 -0.39
C THR A 403 -15.08 3.37 -0.94
N VAL A 404 -15.50 2.41 -0.10
CA VAL A 404 -16.56 1.51 -0.55
C VAL A 404 -17.92 2.19 -0.38
N TRP A 405 -18.04 3.09 0.60
CA TRP A 405 -19.31 3.75 0.86
C TRP A 405 -19.68 4.70 -0.27
N PHE A 406 -18.72 5.50 -0.73
CA PHE A 406 -19.06 6.57 -1.66
C PHE A 406 -19.75 6.07 -2.92
N PRO A 407 -19.20 5.09 -3.65
CA PRO A 407 -19.93 4.61 -4.84
C PRO A 407 -21.33 4.12 -4.51
N ASP A 408 -21.50 3.41 -3.39
CA ASP A 408 -22.82 2.90 -3.04
C ASP A 408 -23.80 4.04 -2.76
N MET A 409 -23.36 5.05 -1.99
CA MET A 409 -24.26 6.14 -1.67
C MET A 409 -24.60 6.96 -2.90
N ILE A 410 -23.62 7.19 -3.78
CA ILE A 410 -23.92 7.91 -5.02
C ILE A 410 -24.91 7.12 -5.86
N ARG A 411 -24.72 5.80 -5.95
CA ARG A 411 -25.64 4.98 -6.73
C ARG A 411 -27.05 5.03 -6.13
N HIS A 412 -27.15 4.97 -4.81
CA HIS A 412 -28.46 5.06 -4.17
C HIS A 412 -29.10 6.42 -4.44
N LEU A 413 -28.29 7.49 -4.42
CA LEU A 413 -28.84 8.81 -4.72
C LEU A 413 -29.33 8.90 -6.16
N GLN A 414 -28.60 8.29 -7.10
CA GLN A 414 -29.08 8.25 -8.47
C GLN A 414 -30.39 7.47 -8.57
N ALA A 415 -30.49 6.36 -7.84
CA ALA A 415 -31.73 5.60 -7.84
C ALA A 415 -32.89 6.42 -7.28
N VAL A 416 -32.63 7.19 -6.22
CA VAL A 416 -33.67 8.05 -5.66
C VAL A 416 -34.07 9.12 -6.65
N ASP A 417 -33.09 9.70 -7.35
CA ASP A 417 -33.41 10.69 -8.37
C ASP A 417 -34.29 10.08 -9.46
N TYR A 418 -33.96 8.86 -9.89
CA TYR A 418 -34.77 8.16 -10.87
C TYR A 418 -36.19 7.97 -10.34
N ALA A 419 -36.32 7.56 -9.08
CA ALA A 419 -37.64 7.42 -8.48
C ALA A 419 -38.36 8.76 -8.44
N SER A 420 -37.61 9.86 -8.39
CA SER A 420 -38.24 11.18 -8.33
C SER A 420 -39.11 11.45 -9.56
N ARG A 421 -38.73 10.89 -10.71
CA ARG A 421 -39.51 11.10 -11.93
C ARG A 421 -40.89 10.47 -11.80
N THR A 422 -40.94 9.14 -11.67
CA THR A 422 -42.17 8.40 -11.41
C THR A 422 -43.32 8.92 -12.27
N ALA A 532 -22.77 -0.83 -14.19
CA ALA A 532 -21.52 -0.49 -13.51
C ALA A 532 -20.63 0.35 -14.41
N TYR A 533 -21.21 0.92 -15.47
CA TYR A 533 -20.44 1.76 -16.37
C TYR A 533 -19.94 3.04 -15.71
N MET A 534 -20.48 3.40 -14.54
CA MET A 534 -20.08 4.60 -13.84
C MET A 534 -19.38 4.32 -12.51
N VAL A 535 -19.37 3.08 -12.03
CA VAL A 535 -18.63 2.77 -10.82
C VAL A 535 -17.12 2.91 -11.03
N TYR A 536 -16.64 2.69 -12.25
CA TYR A 536 -15.24 2.87 -12.58
C TYR A 536 -14.91 4.30 -12.99
N PHE A 537 -15.92 5.17 -13.06
CA PHE A 537 -15.71 6.61 -13.14
C PHE A 537 -15.69 7.24 -11.76
N VAL A 538 -16.63 6.81 -10.90
CA VAL A 538 -16.61 7.19 -9.50
C VAL A 538 -15.47 6.48 -8.80
N SER A 539 -14.73 7.24 -8.00
CA SER A 539 -13.53 6.80 -7.29
C SER A 539 -12.35 6.63 -8.23
N PHE A 540 -12.61 6.57 -9.54
CA PHE A 540 -11.52 6.79 -10.48
C PHE A 540 -11.18 8.27 -10.55
N LEU A 541 -12.20 9.12 -10.62
CA LEU A 541 -11.98 10.54 -10.43
C LEU A 541 -11.41 10.83 -9.05
N GLY A 542 -11.76 10.02 -8.06
CA GLY A 542 -11.17 10.19 -6.74
C GLY A 542 -9.68 9.93 -6.74
N THR A 543 -9.26 8.82 -7.36
CA THR A 543 -7.84 8.52 -7.44
C THR A 543 -7.11 9.53 -8.30
N LEU A 544 -7.79 10.10 -9.30
CA LEU A 544 -7.15 11.14 -10.11
C LEU A 544 -6.99 12.44 -9.33
N ALA A 545 -7.97 12.78 -8.50
CA ALA A 545 -7.90 14.00 -7.70
C ALA A 545 -7.05 13.83 -6.44
N VAL A 546 -6.69 12.59 -6.07
CA VAL A 546 -5.78 12.36 -4.97
C VAL A 546 -4.36 12.80 -5.29
N LEU A 547 -3.93 12.72 -6.55
CA LEU A 547 -2.55 12.99 -6.92
C LEU A 547 -2.11 14.38 -6.50
N PRO A 548 -2.93 15.42 -6.67
CA PRO A 548 -2.56 16.73 -6.12
C PRO A 548 -2.26 16.69 -4.63
N GLY A 549 -3.03 15.92 -3.86
CA GLY A 549 -2.74 15.80 -2.44
C GLY A 549 -1.40 15.15 -2.18
N ASN A 550 -1.08 14.09 -2.93
CA ASN A 550 0.22 13.45 -2.77
C ASN A 550 1.35 14.40 -3.13
N ILE A 551 1.18 15.16 -4.20
CA ILE A 551 2.21 16.11 -4.61
C ILE A 551 2.43 17.16 -3.52
N VAL A 552 1.34 17.69 -2.98
CA VAL A 552 1.44 18.67 -1.90
C VAL A 552 2.05 18.05 -0.64
N SER A 553 1.89 16.73 -0.46
CA SER A 553 2.43 16.04 0.70
C SER A 553 3.79 15.42 0.44
N ALA A 554 4.35 15.62 -0.74
CA ALA A 554 5.69 15.11 -1.07
C ALA A 554 6.76 16.17 -0.91
N LEU A 555 6.55 17.35 -1.48
CA LEU A 555 7.54 18.42 -1.35
C LEU A 555 7.65 18.91 0.08
N LEU A 556 6.54 18.91 0.83
CA LEU A 556 6.52 19.36 2.21
C LEU A 556 6.72 18.21 3.20
N MET A 557 6.96 16.99 2.72
CA MET A 557 7.13 15.86 3.63
C MET A 557 8.33 16.04 4.55
N ASP A 558 9.35 16.78 4.11
CA ASP A 558 10.55 17.00 4.92
C ASP A 558 10.63 18.39 5.49
N LYS A 559 10.07 19.40 4.83
CA LYS A 559 10.17 20.77 5.33
C LYS A 559 9.46 20.91 6.67
N ILE A 560 8.30 20.30 6.82
CA ILE A 560 7.52 20.42 8.05
C ILE A 560 7.90 19.34 9.06
N GLY A 561 8.10 18.12 8.58
CA GLY A 561 8.42 17.00 9.45
C GLY A 561 7.52 15.81 9.12
N ARG A 562 7.95 14.63 9.55
CA ARG A 562 7.23 13.40 9.29
C ARG A 562 6.23 13.05 10.38
N LEU A 563 6.11 13.87 11.43
CA LEU A 563 5.10 13.68 12.46
C LEU A 563 4.07 14.79 12.44
N ARG A 564 4.50 16.05 12.36
CA ARG A 564 3.54 17.14 12.17
C ARG A 564 2.63 16.83 11.00
N MET A 565 3.21 16.72 9.80
CA MET A 565 2.45 16.36 8.62
C MET A 565 1.41 15.28 8.92
N LEU A 566 1.81 14.22 9.62
CA LEU A 566 0.88 13.14 9.91
C LEU A 566 -0.29 13.63 10.77
N ALA A 567 0.00 14.35 11.85
CA ALA A 567 -1.06 14.78 12.76
C ALA A 567 -1.99 15.79 12.08
N GLY A 568 -1.40 16.77 11.38
CA GLY A 568 -2.15 17.81 10.70
C GLY A 568 -2.87 17.33 9.46
N SER A 569 -2.54 16.14 8.95
CA SER A 569 -3.34 15.52 7.91
C SER A 569 -4.42 14.61 8.49
N SER A 570 -4.14 13.93 9.60
CA SER A 570 -5.18 13.14 10.24
C SER A 570 -6.31 14.00 10.76
N VAL A 571 -5.99 15.16 11.35
CA VAL A 571 -7.03 16.06 11.83
C VAL A 571 -7.89 16.54 10.69
N MET A 572 -7.26 16.93 9.58
CA MET A 572 -8.02 17.38 8.42
C MET A 572 -8.86 16.26 7.84
N SER A 573 -8.34 15.03 7.84
CA SER A 573 -9.13 13.90 7.36
C SER A 573 -10.35 13.68 8.23
N CYS A 574 -10.19 13.77 9.55
CA CYS A 574 -11.33 13.62 10.45
C CYS A 574 -12.36 14.71 10.22
N VAL A 575 -11.92 15.96 10.06
CA VAL A 575 -12.86 17.05 9.84
C VAL A 575 -13.56 16.87 8.51
N SER A 576 -12.86 16.37 7.49
CA SER A 576 -13.49 16.10 6.20
C SER A 576 -14.52 14.99 6.33
N CYS A 577 -14.22 13.94 7.10
CA CYS A 577 -15.18 12.87 7.32
C CYS A 577 -16.42 13.40 8.02
N PHE A 578 -16.25 14.31 8.97
CA PHE A 578 -17.41 14.94 9.60
C PHE A 578 -18.19 15.77 8.58
N PHE A 579 -17.49 16.52 7.74
CA PHE A 579 -18.15 17.41 6.79
C PHE A 579 -18.80 16.67 5.63
N LEU A 580 -18.46 15.39 5.44
CA LEU A 580 -19.06 14.63 4.34
C LEU A 580 -20.58 14.69 4.40
N SER A 581 -21.15 14.65 5.60
CA SER A 581 -22.60 14.65 5.74
C SER A 581 -23.22 15.96 5.25
N PHE A 582 -22.45 17.03 5.18
CA PHE A 582 -23.00 18.31 4.73
C PHE A 582 -23.53 18.22 3.31
N GLY A 583 -22.79 17.55 2.42
CA GLY A 583 -23.24 17.42 1.04
C GLY A 583 -24.26 16.31 0.89
N ASN A 584 -25.30 16.59 0.10
CA ASN A 584 -26.40 15.66 -0.12
C ASN A 584 -26.80 15.63 -1.59
N SER A 585 -25.81 15.56 -2.48
CA SER A 585 -26.06 15.51 -3.92
C SER A 585 -25.11 14.47 -4.52
N GLU A 586 -25.03 14.46 -5.85
CA GLU A 586 -24.13 13.57 -6.57
C GLU A 586 -22.80 14.25 -6.88
N SER A 587 -22.84 15.38 -7.58
CA SER A 587 -21.61 16.11 -7.88
C SER A 587 -20.95 16.61 -6.59
N ALA A 588 -21.73 17.11 -5.65
CA ALA A 588 -21.17 17.54 -4.38
C ALA A 588 -20.54 16.38 -3.63
N MET A 589 -21.18 15.21 -3.65
CA MET A 589 -20.62 14.04 -3.01
C MET A 589 -19.31 13.63 -3.67
N ILE A 590 -19.25 13.69 -5.00
CA ILE A 590 -18.01 13.35 -5.69
C ILE A 590 -16.90 14.32 -5.32
N ALA A 591 -17.21 15.62 -5.28
CA ALA A 591 -16.21 16.60 -4.90
C ALA A 591 -15.71 16.36 -3.48
N LEU A 592 -16.64 16.06 -2.56
CA LEU A 592 -16.24 15.79 -1.18
C LEU A 592 -15.38 14.54 -1.10
N LEU A 593 -15.70 13.51 -1.87
CA LEU A 593 -14.87 12.31 -1.88
C LEU A 593 -13.46 12.62 -2.37
N CYS A 594 -13.35 13.40 -3.44
CA CYS A 594 -12.03 13.78 -3.94
C CYS A 594 -11.26 14.56 -2.89
N LEU A 595 -11.93 15.50 -2.21
CA LEU A 595 -11.27 16.28 -1.18
C LEU A 595 -10.78 15.39 -0.04
N PHE A 596 -11.62 14.45 0.40
CA PHE A 596 -11.23 13.57 1.49
C PHE A 596 -10.03 12.70 1.09
N GLY A 597 -10.04 12.18 -0.14
CA GLY A 597 -8.90 11.40 -0.58
C GLY A 597 -7.63 12.23 -0.61
N GLY A 598 -7.71 13.45 -1.15
CA GLY A 598 -6.54 14.30 -1.21
C GLY A 598 -6.05 14.74 0.16
N VAL A 599 -6.94 14.76 1.14
CA VAL A 599 -6.53 15.13 2.50
C VAL A 599 -5.95 13.94 3.26
N SER A 600 -6.42 12.72 2.98
CA SER A 600 -5.91 11.55 3.69
C SER A 600 -4.66 10.97 3.06
N ILE A 601 -4.38 11.26 1.79
CA ILE A 601 -3.17 10.73 1.16
C ILE A 601 -1.93 11.25 1.86
N ALA A 602 -1.95 12.52 2.30
CA ALA A 602 -0.81 13.07 3.00
C ALA A 602 -0.53 12.30 4.28
N SER A 603 -1.57 12.00 5.04
CA SER A 603 -1.41 11.21 6.26
C SER A 603 -0.88 9.84 5.94
N TRP A 604 -1.37 9.23 4.85
CA TRP A 604 -0.88 7.90 4.48
C TRP A 604 0.61 7.93 4.16
N ASN A 605 1.04 8.94 3.40
CA ASN A 605 2.46 9.04 3.06
C ASN A 605 3.31 9.26 4.30
N ALA A 606 2.88 10.13 5.20
CA ALA A 606 3.59 10.31 6.46
C ALA A 606 3.66 8.99 7.22
N LEU A 607 2.57 8.22 7.19
CA LEU A 607 2.54 6.91 7.83
C LEU A 607 3.63 6.00 7.27
N ASP A 608 3.69 5.91 5.94
CA ASP A 608 4.64 4.97 5.34
C ASP A 608 6.07 5.42 5.54
N VAL A 609 6.31 6.73 5.61
CA VAL A 609 7.65 7.21 5.90
C VAL A 609 8.04 6.88 7.34
N LEU A 610 7.13 7.16 8.28
CA LEU A 610 7.44 6.94 9.70
C LEU A 610 7.63 5.46 10.00
N THR A 611 6.80 4.59 9.41
CA THR A 611 6.90 3.17 9.72
C THR A 611 8.25 2.61 9.30
N VAL A 612 8.76 3.02 8.15
CA VAL A 612 10.06 2.54 7.70
C VAL A 612 11.21 3.26 8.42
N GLU A 613 10.99 4.50 8.88
CA GLU A 613 12.05 5.20 9.59
C GLU A 613 12.26 4.62 10.99
N LEU A 614 11.17 4.36 11.72
CA LEU A 614 11.28 3.99 13.12
C LEU A 614 12.04 2.68 13.29
N TYR A 615 11.72 1.68 12.49
CA TYR A 615 12.22 0.34 12.75
C TYR A 615 13.65 0.18 12.25
N PRO A 616 14.44 -0.68 12.88
CA PRO A 616 15.83 -0.87 12.48
C PRO A 616 15.92 -1.73 11.23
N SER A 617 17.16 -1.97 10.79
CA SER A 617 17.39 -2.74 9.57
C SER A 617 16.83 -4.16 9.69
N ASP A 618 16.86 -4.73 10.88
CA ASP A 618 16.42 -6.12 11.04
C ASP A 618 14.91 -6.25 10.86
N LYS A 619 14.14 -5.38 11.49
CA LYS A 619 12.69 -5.46 11.46
C LYS A 619 12.06 -4.43 10.53
N ARG A 620 12.86 -3.78 9.69
CA ARG A 620 12.30 -2.77 8.80
C ARG A 620 11.24 -3.36 7.86
N THR A 621 11.29 -4.66 7.61
CA THR A 621 10.32 -5.31 6.73
C THR A 621 9.38 -6.25 7.46
N THR A 622 9.83 -6.94 8.51
CA THR A 622 8.93 -7.80 9.27
C THR A 622 7.84 -6.98 9.94
N ALA A 623 8.22 -5.91 10.64
CA ALA A 623 7.23 -5.05 11.27
C ALA A 623 6.33 -4.40 10.25
N PHE A 624 6.89 -3.95 9.12
CA PHE A 624 6.07 -3.32 8.09
C PHE A 624 5.07 -4.32 7.51
N GLY A 625 5.50 -5.56 7.29
CA GLY A 625 4.58 -6.56 6.78
C GLY A 625 3.48 -6.89 7.77
N PHE A 626 3.82 -6.98 9.06
CA PHE A 626 2.78 -7.21 10.07
C PHE A 626 1.79 -6.05 10.10
N LEU A 627 2.29 -4.82 10.04
CA LEU A 627 1.41 -3.66 10.06
C LEU A 627 0.54 -3.62 8.82
N ASN A 628 1.08 -4.02 7.66
CA ASN A 628 0.28 -4.06 6.45
C ASN A 628 -0.79 -5.15 6.52
N ALA A 629 -0.46 -6.30 7.11
CA ALA A 629 -1.47 -7.32 7.32
C ALA A 629 -2.59 -6.82 8.22
N LEU A 630 -2.22 -6.11 9.30
CA LEU A 630 -3.25 -5.55 10.17
C LEU A 630 -4.07 -4.49 9.43
N CYS A 631 -3.43 -3.69 8.59
CA CYS A 631 -4.13 -2.71 7.79
C CYS A 631 -5.14 -3.37 6.87
N LYS A 632 -4.77 -4.51 6.26
CA LYS A 632 -5.71 -5.22 5.41
C LYS A 632 -6.84 -5.85 6.22
N LEU A 633 -6.56 -6.32 7.44
CA LEU A 633 -7.63 -6.78 8.30
C LEU A 633 -8.63 -5.66 8.59
N ALA A 634 -8.10 -4.47 8.92
CA ALA A 634 -8.96 -3.31 9.14
C ALA A 634 -9.72 -2.94 7.87
N ALA A 635 -9.09 -3.10 6.71
CA ALA A 635 -9.78 -2.84 5.45
C ALA A 635 -10.95 -3.80 5.26
N VAL A 636 -10.74 -5.07 5.56
CA VAL A 636 -11.82 -6.05 5.45
C VAL A 636 -12.95 -5.68 6.39
N LEU A 637 -12.62 -5.34 7.63
CA LEU A 637 -13.65 -4.95 8.58
C LEU A 637 -14.42 -3.72 8.10
N GLY A 638 -13.70 -2.72 7.59
CA GLY A 638 -14.36 -1.53 7.12
C GLY A 638 -15.27 -1.80 5.94
N ILE A 639 -14.80 -2.60 4.99
CA ILE A 639 -15.63 -2.93 3.82
C ILE A 639 -16.88 -3.67 4.27
N SER A 640 -16.72 -4.66 5.14
CA SER A 640 -17.87 -5.44 5.59
C SER A 640 -18.87 -4.55 6.32
N ILE A 641 -18.39 -3.65 7.17
CA ILE A 641 -19.30 -2.80 7.94
C ILE A 641 -20.01 -1.82 7.01
N PHE A 642 -19.26 -1.17 6.11
CA PHE A 642 -19.82 -0.10 5.29
C PHE A 642 -20.70 -0.62 4.16
N THR A 643 -20.53 -1.88 3.76
CA THR A 643 -21.48 -2.44 2.79
C THR A 643 -22.85 -2.62 3.41
N SER A 644 -22.92 -2.89 4.71
CA SER A 644 -24.20 -3.08 5.37
C SER A 644 -25.03 -1.80 5.35
N PHE A 645 -24.38 -0.66 5.53
CA PHE A 645 -25.08 0.62 5.61
C PHE A 645 -25.59 1.06 4.24
N VAL A 646 -26.78 0.61 3.86
CA VAL A 646 -27.41 1.01 2.61
C VAL A 646 -28.71 1.72 2.93
N GLY A 647 -29.62 1.04 3.62
CA GLY A 647 -30.85 1.62 4.08
C GLY A 647 -30.75 2.35 5.40
N ILE A 648 -29.56 2.43 5.98
CA ILE A 648 -29.34 3.12 7.24
C ILE A 648 -28.88 4.54 6.94
N THR A 649 -29.24 5.46 7.84
CA THR A 649 -28.92 6.87 7.62
C THR A 649 -27.41 7.06 7.55
N LYS A 650 -26.97 7.94 6.64
CA LYS A 650 -25.55 8.16 6.42
C LYS A 650 -24.83 8.65 7.67
N ALA A 651 -25.54 9.25 8.61
CA ALA A 651 -24.91 9.72 9.84
C ALA A 651 -24.15 8.61 10.55
N ALA A 652 -24.67 7.37 10.47
CA ALA A 652 -23.98 6.26 11.13
C ALA A 652 -22.60 6.01 10.55
N PRO A 653 -22.44 5.78 9.24
CA PRO A 653 -21.09 5.65 8.69
C PRO A 653 -20.25 6.89 8.88
N ILE A 654 -20.86 8.08 8.79
CA ILE A 654 -20.09 9.31 8.99
C ILE A 654 -19.45 9.31 10.38
N LEU A 655 -20.26 9.05 11.41
CA LEU A 655 -19.75 9.06 12.77
C LEU A 655 -18.76 7.92 13.01
N PHE A 656 -19.01 6.75 12.42
CA PHE A 656 -18.08 5.63 12.59
C PHE A 656 -16.70 6.00 12.04
N ALA A 657 -16.67 6.50 10.81
CA ALA A 657 -15.39 6.88 10.21
C ALA A 657 -14.75 8.04 10.97
N SER A 658 -15.55 8.98 11.45
CA SER A 658 -15.00 10.09 12.21
C SER A 658 -14.35 9.61 13.50
N ALA A 659 -14.99 8.67 14.20
CA ALA A 659 -14.38 8.13 15.42
C ALA A 659 -13.10 7.37 15.09
N ALA A 660 -13.11 6.57 14.03
CA ALA A 660 -11.91 5.83 13.66
C ALA A 660 -10.76 6.79 13.37
N LEU A 661 -11.03 7.83 12.59
CA LEU A 661 -9.98 8.79 12.25
C LEU A 661 -9.55 9.59 13.47
N ALA A 662 -10.46 9.86 14.41
CA ALA A 662 -10.07 10.55 15.63
C ALA A 662 -9.10 9.71 16.44
N LEU A 663 -9.39 8.41 16.59
CA LEU A 663 -8.46 7.53 17.28
C LEU A 663 -7.12 7.48 16.55
N GLY A 664 -7.15 7.38 15.21
CA GLY A 664 -5.91 7.36 14.46
C GLY A 664 -5.09 8.62 14.68
N SER A 665 -5.74 9.79 14.62
CA SER A 665 -5.03 11.04 14.80
C SER A 665 -4.46 11.16 16.21
N SER A 666 -5.24 10.75 17.22
CA SER A 666 -4.74 10.81 18.59
C SER A 666 -3.51 9.94 18.75
N LEU A 667 -3.57 8.69 18.28
CA LEU A 667 -2.42 7.81 18.41
C LEU A 667 -1.22 8.34 17.64
N ALA A 668 -1.45 8.85 16.42
CA ALA A 668 -0.34 9.38 15.64
C ALA A 668 0.33 10.55 16.34
N LEU A 669 -0.46 11.47 16.88
CA LEU A 669 0.09 12.58 17.62
C LEU A 669 0.79 12.12 18.90
N LYS A 670 0.40 10.97 19.44
CA LYS A 670 1.03 10.45 20.65
C LYS A 670 2.28 9.64 20.36
N LEU A 671 2.69 9.50 19.10
CA LEU A 671 3.85 8.71 18.77
C LEU A 671 5.14 9.43 19.20
N PRO A 672 6.25 8.70 19.33
CA PRO A 672 7.50 9.34 19.73
C PRO A 672 8.03 10.29 18.65
N GLU A 673 9.17 10.91 18.92
CA GLU A 673 9.74 11.90 18.00
C GLU A 673 10.42 11.18 16.84
N THR A 674 11.16 11.94 16.04
CA THR A 674 11.84 11.41 14.86
C THR A 674 13.32 11.13 15.12
N ARG A 675 13.76 11.18 16.38
CA ARG A 675 15.16 10.94 16.70
C ARG A 675 15.55 9.47 16.59
N GLY A 676 14.59 8.57 16.42
CA GLY A 676 14.89 7.16 16.32
C GLY A 676 15.81 6.82 15.16
#